data_5N3B
#
_entry.id   5N3B
#
_cell.length_a   58.863
_cell.length_b   108.775
_cell.length_c   72.668
_cell.angle_alpha   90.00
_cell.angle_beta   90.00
_cell.angle_gamma   90.00
#
_symmetry.space_group_name_H-M   'P 21 21 21'
#
loop_
_entity.id
_entity.type
_entity.pdbx_description
1 polymer 'cAMP-dependent protein kinase catalytic subunit alpha'
2 polymer 'cAMP dependent protein kinase inhibitor alpha-like protein'
3 non-polymer (4S)-2-METHYL-2,4-PENTANEDIOL
4 non-polymer 2-pyridin-3-ylethylazanium
5 water water
#
loop_
_entity_poly.entity_id
_entity_poly.type
_entity_poly.pdbx_seq_one_letter_code
_entity_poly.pdbx_strand_id
1 'polypeptide(L)'
;GHMGNAAAAKKG(SEP)EQESVKEFLAKAKEEFLKKWESPSQNTAQLDHFDRIKTLGTGSFGRVMLVKHKETGNHYAMKI
LDKQKVVKLKQIEHTLNEKRILQAVNFPFLVKLEFSFKDNSNLYMVMEYVPGGEMFSHLRRIGRF(SEP)EPHARFYAAQ
IVLTFEYLHSLDLIYRDLKPENLLIDQQGYIQVTDFGFAKRVKGRTW(TPO)LCGTPEYLAPEIILSKGYNKAVDWWALG
VLIYEMAAGYPPFFADQPIQIYEKIVSGKVRFPSHFSSDLKDLLRNLLQVDLTKRFGNLKNGVNDIKNHKWFATTDWIAI
YQRKVEAPFIPKFKGPGDTSNFDDYEEEEIRV(SEP)INEKCGKEFTEF
;
A
2 'polypeptide(L)' IAAGRTGRRQAIHDILVAA B
#
# COMPACT_ATOMS: atom_id res chain seq x y z
N ALA A 7 -31.03 2.57 13.83
CA ALA A 7 -29.59 2.57 13.61
C ALA A 7 -29.05 1.15 13.59
N ALA A 8 -29.62 0.29 14.45
CA ALA A 8 -29.15 -1.08 14.56
C ALA A 8 -29.48 -1.88 13.30
N ALA A 9 -30.74 -1.86 12.88
CA ALA A 9 -31.14 -2.59 11.67
C ALA A 9 -30.53 -1.99 10.41
N LYS A 10 -30.26 -0.68 10.43
CA LYS A 10 -29.55 -0.06 9.31
C LYS A 10 -28.15 -0.63 9.16
N LYS A 11 -27.49 -0.95 10.29
CA LYS A 11 -26.12 -1.45 10.22
C LYS A 11 -26.07 -2.93 9.82
N GLY A 12 -27.00 -3.74 10.33
CA GLY A 12 -27.12 -5.13 9.91
C GLY A 12 -27.35 -5.32 8.40
N GLU A 14 -26.60 -3.24 6.22
CA GLU A 14 -25.34 -2.81 5.66
C GLU A 14 -24.36 -4.00 5.67
N GLN A 15 -24.44 -4.87 6.69
CA GLN A 15 -23.55 -6.03 6.78
C GLN A 15 -23.82 -7.05 5.68
N GLU A 16 -25.10 -7.38 5.46
CA GLU A 16 -25.46 -8.28 4.37
C GLU A 16 -25.00 -7.72 3.03
N SER A 17 -25.13 -6.41 2.83
CA SER A 17 -24.75 -5.82 1.57
C SER A 17 -23.24 -5.91 1.36
N VAL A 18 -22.45 -5.78 2.42
CA VAL A 18 -20.99 -5.99 2.30
C VAL A 18 -20.71 -7.41 1.85
N LYS A 19 -21.36 -8.38 2.49
CA LYS A 19 -21.19 -9.79 2.12
C LYS A 19 -21.53 -10.03 0.66
N GLU A 20 -22.59 -9.42 0.18
CA GLU A 20 -23.00 -9.57 -1.21
C GLU A 20 -21.94 -9.00 -2.15
N PHE A 21 -21.45 -7.81 -1.83
CA PHE A 21 -20.42 -7.17 -2.64
C PHE A 21 -19.15 -8.02 -2.70
N LEU A 22 -18.70 -8.50 -1.55
CA LEU A 22 -17.46 -9.27 -1.50
C LEU A 22 -17.58 -10.59 -2.24
N ALA A 23 -18.77 -11.20 -2.23
CA ALA A 23 -18.95 -12.44 -2.98
C ALA A 23 -18.79 -12.20 -4.47
N LYS A 24 -19.36 -11.11 -4.98
N LYS A 24 -19.39 -11.12 -4.98
CA LYS A 24 -19.23 -10.82 -6.41
CA LYS A 24 -19.24 -10.81 -6.40
C LYS A 24 -17.81 -10.38 -6.75
C LYS A 24 -17.79 -10.44 -6.72
N ALA A 25 -17.17 -9.64 -5.85
CA ALA A 25 -15.77 -9.25 -6.08
C ALA A 25 -14.83 -10.45 -6.14
N LYS A 26 -15.09 -11.48 -5.34
CA LYS A 26 -14.25 -12.68 -5.39
C LYS A 26 -14.44 -13.43 -6.69
N GLU A 27 -15.68 -13.52 -7.19
CA GLU A 27 -15.91 -14.19 -8.46
C GLU A 27 -15.14 -13.49 -9.58
N GLU A 28 -15.21 -12.14 -9.60
CA GLU A 28 -14.47 -11.36 -10.59
C GLU A 28 -12.96 -11.54 -10.47
N PHE A 29 -12.44 -11.51 -9.23
CA PHE A 29 -11.00 -11.67 -9.02
C PHE A 29 -10.51 -13.03 -9.54
N LEU A 30 -11.21 -14.10 -9.17
CA LEU A 30 -10.73 -15.44 -9.50
C LEU A 30 -10.66 -15.65 -11.00
N LYS A 31 -11.59 -15.08 -11.75
CA LYS A 31 -11.53 -15.18 -13.21
C LYS A 31 -10.19 -14.66 -13.73
N LYS A 32 -9.75 -13.49 -13.23
CA LYS A 32 -8.49 -12.91 -13.69
C LYS A 32 -7.28 -13.57 -13.03
N TRP A 33 -7.45 -14.12 -11.83
CA TRP A 33 -6.32 -14.74 -11.13
C TRP A 33 -5.88 -16.02 -11.80
N GLU A 34 -6.83 -16.76 -12.36
CA GLU A 34 -6.54 -18.01 -13.06
C GLU A 34 -6.07 -17.81 -14.48
N SER A 35 -6.34 -16.65 -15.09
CA SER A 35 -6.01 -16.39 -16.49
C SER A 35 -5.26 -15.07 -16.60
N PRO A 36 -4.03 -15.00 -16.11
CA PRO A 36 -3.29 -13.74 -16.00
C PRO A 36 -2.97 -13.07 -17.34
N GLN A 38 -0.22 -10.89 -19.82
CA GLN A 38 1.23 -10.88 -20.05
C GLN A 38 1.58 -10.26 -21.41
N ASN A 39 2.64 -9.45 -21.42
CA ASN A 39 3.24 -8.91 -22.65
C ASN A 39 2.24 -8.06 -23.46
N THR A 40 1.76 -6.99 -22.84
CA THR A 40 0.74 -6.15 -23.42
C THR A 40 1.28 -4.82 -23.98
N ALA A 41 2.61 -4.66 -24.04
CA ALA A 41 3.23 -3.48 -24.64
C ALA A 41 4.73 -3.74 -24.77
N GLN A 42 5.46 -2.74 -25.26
CA GLN A 42 6.92 -2.81 -25.29
C GLN A 42 7.51 -1.43 -25.01
N LEU A 43 8.82 -1.40 -24.74
CA LEU A 43 9.43 -0.21 -24.16
C LEU A 43 9.38 0.98 -25.12
N ASP A 44 9.63 0.76 -26.42
CA ASP A 44 9.70 1.90 -27.33
C ASP A 44 8.32 2.47 -27.67
N HIS A 45 7.27 2.02 -27.00
CA HIS A 45 5.95 2.63 -27.11
C HIS A 45 5.80 3.86 -26.21
N PHE A 46 6.80 4.18 -25.40
CA PHE A 46 6.69 5.22 -24.38
C PHE A 46 7.90 6.14 -24.44
N ASP A 47 7.65 7.43 -24.24
CA ASP A 47 8.71 8.38 -23.96
C ASP A 47 8.88 8.48 -22.45
N ARG A 48 10.12 8.45 -21.98
CA ARG A 48 10.39 8.50 -20.55
C ARG A 48 10.65 9.96 -20.18
N ILE A 49 9.98 10.42 -19.13
CA ILE A 49 9.93 11.84 -18.80
C ILE A 49 10.76 12.16 -17.55
N LYS A 50 10.51 11.46 -16.44
CA LYS A 50 11.07 11.88 -15.16
C LYS A 50 10.90 10.75 -14.16
N THR A 51 11.89 10.61 -13.26
CA THR A 51 11.82 9.61 -12.21
C THR A 51 11.00 10.14 -11.03
N LEU A 52 9.96 9.39 -10.65
CA LEU A 52 9.06 9.78 -9.57
C LEU A 52 9.38 9.13 -8.24
N GLY A 53 10.22 8.11 -8.22
CA GLY A 53 10.57 7.39 -7.02
C GLY A 53 11.63 6.34 -7.32
N THR A 54 12.44 5.98 -6.33
CA THR A 54 13.53 5.03 -6.52
C THR A 54 13.68 4.14 -5.30
N GLY A 55 14.05 2.89 -5.54
CA GLY A 55 14.25 1.92 -4.49
C GLY A 55 15.40 0.98 -4.80
N SER A 56 15.50 -0.14 -4.08
CA SER A 56 16.68 -1.00 -4.19
C SER A 56 16.78 -1.66 -5.56
N PHE A 57 15.65 -2.03 -6.16
CA PHE A 57 15.63 -2.85 -7.37
C PHE A 57 15.36 -2.04 -8.65
N GLY A 58 15.11 -0.75 -8.54
CA GLY A 58 14.81 0.05 -9.71
C GLY A 58 14.12 1.37 -9.40
N ARG A 59 13.16 1.76 -10.24
CA ARG A 59 12.59 3.08 -10.13
C ARG A 59 11.21 3.12 -10.78
N VAL A 60 10.45 4.16 -10.44
CA VAL A 60 9.19 4.46 -11.08
C VAL A 60 9.35 5.76 -11.86
N MET A 61 9.03 5.74 -13.14
CA MET A 61 9.16 6.88 -14.01
C MET A 61 7.80 7.32 -14.54
N LEU A 62 7.62 8.63 -14.67
CA LEU A 62 6.55 9.14 -15.51
C LEU A 62 6.91 8.91 -16.96
N VAL A 63 6.01 8.26 -17.71
CA VAL A 63 6.21 8.05 -19.14
C VAL A 63 4.97 8.54 -19.89
N LYS A 64 5.15 8.78 -21.19
CA LYS A 64 4.08 9.22 -22.07
C LYS A 64 3.98 8.22 -23.21
N HIS A 65 2.80 7.63 -23.38
CA HIS A 65 2.56 6.70 -24.47
C HIS A 65 2.56 7.46 -25.80
N LYS A 66 3.43 7.03 -26.73
CA LYS A 66 3.64 7.80 -27.95
C LYS A 66 2.38 7.91 -28.80
N GLU A 67 1.64 6.81 -28.96
CA GLU A 67 0.46 6.82 -29.81
C GLU A 67 -0.64 7.69 -29.23
N THR A 68 -1.10 7.36 -28.00
CA THR A 68 -2.26 8.02 -27.42
C THR A 68 -1.93 9.33 -26.70
N GLY A 69 -0.67 9.55 -26.34
CA GLY A 69 -0.33 10.69 -25.51
C GLY A 69 -0.72 10.55 -24.06
N ASN A 70 -1.29 9.41 -23.64
CA ASN A 70 -1.63 9.21 -22.25
C ASN A 70 -0.38 9.11 -21.40
N HIS A 71 -0.49 9.58 -20.16
CA HIS A 71 0.61 9.50 -19.20
C HIS A 71 0.39 8.32 -18.27
N TYR A 72 1.50 7.67 -17.88
CA TYR A 72 1.46 6.51 -17.01
C TYR A 72 2.65 6.56 -16.06
N ALA A 73 2.55 5.79 -14.97
CA ALA A 73 3.69 5.52 -14.10
C ALA A 73 4.24 4.15 -14.44
N MET A 74 5.51 4.09 -14.86
CA MET A 74 6.17 2.85 -15.26
C MET A 74 7.17 2.44 -14.20
N LYS A 75 6.92 1.30 -13.56
CA LYS A 75 7.86 0.69 -12.64
C LYS A 75 8.82 -0.20 -13.42
N ILE A 76 10.12 0.04 -13.24
CA ILE A 76 11.18 -0.66 -13.96
C ILE A 76 12.00 -1.42 -12.91
N LEU A 77 12.08 -2.74 -13.06
CA LEU A 77 12.86 -3.58 -12.17
C LEU A 77 14.04 -4.21 -12.93
N ASP A 78 15.25 -4.00 -12.41
CA ASP A 78 16.46 -4.53 -13.01
C ASP A 78 16.54 -6.00 -12.67
N LYS A 79 16.39 -6.87 -13.68
CA LYS A 79 16.34 -8.31 -13.41
C LYS A 79 17.57 -8.79 -12.66
N GLN A 80 18.72 -8.17 -12.91
CA GLN A 80 19.93 -8.52 -12.18
C GLN A 80 19.81 -8.17 -10.70
N LYS A 81 19.28 -6.97 -10.40
CA LYS A 81 19.13 -6.56 -9.00
C LYS A 81 18.13 -7.43 -8.25
N VAL A 82 17.16 -8.01 -8.95
CA VAL A 82 16.17 -8.87 -8.32
C VAL A 82 16.78 -10.26 -8.24
N VAL A 83 17.73 -10.46 -7.31
CA VAL A 83 18.55 -11.66 -7.29
C VAL A 83 18.19 -12.61 -6.15
N LYS A 84 17.71 -12.10 -5.02
CA LYS A 84 17.42 -12.93 -3.85
C LYS A 84 16.15 -13.73 -4.06
N LEU A 85 16.05 -14.88 -3.40
CA LEU A 85 14.94 -15.79 -3.66
C LEU A 85 13.60 -15.09 -3.44
N LYS A 86 13.39 -14.49 -2.27
N LYS A 86 13.40 -14.48 -2.27
CA LYS A 86 12.10 -13.86 -2.01
CA LYS A 86 12.13 -13.84 -1.98
C LYS A 86 11.92 -12.56 -2.78
C LYS A 86 11.92 -12.58 -2.83
N GLN A 87 12.99 -11.93 -3.26
CA GLN A 87 12.83 -10.80 -4.18
C GLN A 87 12.17 -11.26 -5.49
N ILE A 88 12.58 -12.43 -6.01
CA ILE A 88 12.01 -12.98 -7.24
C ILE A 88 10.53 -13.36 -7.06
N GLU A 89 10.23 -14.18 -6.06
CA GLU A 89 8.86 -14.62 -5.83
C GLU A 89 7.92 -13.43 -5.63
N HIS A 90 8.39 -12.43 -4.89
CA HIS A 90 7.59 -11.25 -4.61
C HIS A 90 7.24 -10.48 -5.89
N THR A 91 8.16 -10.45 -6.86
CA THR A 91 7.90 -9.76 -8.12
C THR A 91 6.78 -10.44 -8.89
N LEU A 92 6.75 -11.78 -8.87
CA LEU A 92 5.66 -12.49 -9.53
C LEU A 92 4.34 -12.28 -8.79
N ASN A 93 4.34 -12.27 -7.46
CA ASN A 93 3.13 -11.95 -6.69
C ASN A 93 2.55 -10.61 -7.13
N GLU A 94 3.43 -9.59 -7.24
CA GLU A 94 2.97 -8.23 -7.48
C GLU A 94 2.22 -8.14 -8.82
N LYS A 95 2.80 -8.71 -9.88
CA LYS A 95 2.19 -8.61 -11.21
C LYS A 95 0.88 -9.37 -11.28
N ARG A 96 0.85 -10.57 -10.71
CA ARG A 96 -0.36 -11.39 -10.81
C ARG A 96 -1.50 -10.79 -9.99
N ILE A 97 -1.18 -10.21 -8.84
CA ILE A 97 -2.22 -9.60 -8.01
C ILE A 97 -2.74 -8.34 -8.66
N LEU A 98 -1.85 -7.49 -9.15
CA LEU A 98 -2.32 -6.21 -9.67
C LEU A 98 -3.14 -6.38 -10.93
N GLN A 99 -2.89 -7.42 -11.70
CA GLN A 99 -3.70 -7.63 -12.90
C GLN A 99 -5.08 -8.17 -12.57
N ALA A 100 -5.31 -8.69 -11.36
CA ALA A 100 -6.55 -9.36 -11.03
C ALA A 100 -7.47 -8.56 -10.11
N VAL A 101 -6.97 -7.53 -9.39
CA VAL A 101 -7.80 -6.78 -8.45
C VAL A 101 -8.47 -5.60 -9.14
N ASN A 102 -9.51 -5.06 -8.48
CA ASN A 102 -10.28 -3.92 -8.99
C ASN A 102 -10.98 -3.29 -7.79
N PHE A 103 -10.53 -2.10 -7.37
CA PHE A 103 -11.12 -1.43 -6.21
C PHE A 103 -10.83 0.07 -6.34
N PRO A 104 -11.67 0.94 -5.82
CA PRO A 104 -11.50 2.38 -6.13
C PRO A 104 -10.23 3.00 -5.55
N PHE A 105 -9.62 2.36 -4.55
CA PHE A 105 -8.48 2.93 -3.86
C PHE A 105 -7.21 2.12 -4.14
N LEU A 106 -7.23 1.31 -5.20
CA LEU A 106 -6.05 0.56 -5.65
C LEU A 106 -5.63 1.05 -7.02
N VAL A 107 -4.31 1.21 -7.23
CA VAL A 107 -3.85 1.71 -8.53
C VAL A 107 -4.11 0.68 -9.63
N LYS A 108 -4.45 1.15 -10.83
CA LYS A 108 -4.79 0.27 -11.95
C LYS A 108 -3.57 -0.02 -12.81
N LEU A 109 -3.20 -1.31 -12.91
CA LEU A 109 -2.21 -1.75 -13.89
C LEU A 109 -2.79 -1.75 -15.30
N GLU A 110 -2.04 -1.19 -16.24
CA GLU A 110 -2.46 -1.14 -17.63
C GLU A 110 -1.67 -2.10 -18.52
N PHE A 111 -0.34 -2.12 -18.42
CA PHE A 111 0.47 -2.98 -19.26
C PHE A 111 1.60 -3.58 -18.44
N SER A 112 2.11 -4.72 -18.89
CA SER A 112 3.33 -5.26 -18.32
C SER A 112 4.09 -5.99 -19.42
N PHE A 113 5.41 -6.04 -19.29
CA PHE A 113 6.25 -6.69 -20.30
C PHE A 113 7.67 -6.78 -19.74
N LYS A 114 8.56 -7.43 -20.51
CA LYS A 114 9.93 -7.62 -20.05
C LYS A 114 10.86 -7.62 -21.26
N ASP A 115 12.12 -7.31 -21.03
CA ASP A 115 13.13 -7.40 -22.10
C ASP A 115 14.35 -8.13 -21.56
N ASN A 116 15.49 -8.00 -22.26
CA ASN A 116 16.68 -8.73 -21.85
C ASN A 116 17.14 -8.34 -20.46
N SER A 117 16.85 -7.12 -20.02
CA SER A 117 17.44 -6.58 -18.80
C SER A 117 16.43 -6.32 -17.70
N ASN A 118 15.20 -5.96 -18.03
CA ASN A 118 14.27 -5.41 -17.04
C ASN A 118 12.90 -6.07 -17.13
N LEU A 119 12.14 -5.91 -16.04
CA LEU A 119 10.70 -6.11 -16.01
C LEU A 119 10.02 -4.75 -15.92
N TYR A 120 8.83 -4.64 -16.52
CA TYR A 120 8.10 -3.38 -16.59
C TYR A 120 6.63 -3.58 -16.21
N MET A 121 6.14 -2.73 -15.31
CA MET A 121 4.72 -2.63 -14.99
C MET A 121 4.28 -1.19 -15.20
N VAL A 122 3.27 -0.99 -16.04
CA VAL A 122 2.80 0.35 -16.39
C VAL A 122 1.44 0.54 -15.76
N MET A 123 1.30 1.57 -14.93
N MET A 123 1.31 1.53 -14.87
CA MET A 123 0.11 1.83 -14.13
CA MET A 123 0.12 1.82 -14.09
C MET A 123 -0.43 3.21 -14.44
C MET A 123 -0.43 3.20 -14.43
N GLU A 124 -1.67 3.44 -14.02
CA GLU A 124 -2.22 4.79 -14.11
C GLU A 124 -1.35 5.75 -13.33
N TYR A 125 -1.15 6.94 -13.89
CA TYR A 125 -0.39 7.98 -13.22
C TYR A 125 -1.31 8.74 -12.28
N VAL A 126 -0.90 8.86 -11.02
CA VAL A 126 -1.66 9.54 -9.98
C VAL A 126 -0.85 10.78 -9.60
N PRO A 127 -1.26 11.97 -10.03
CA PRO A 127 -0.35 13.12 -10.02
C PRO A 127 -0.28 13.88 -8.71
N GLY A 128 -1.10 13.55 -7.72
CA GLY A 128 -1.19 14.34 -6.49
C GLY A 128 -0.02 14.18 -5.53
N GLY A 129 0.86 13.21 -5.79
CA GLY A 129 2.00 12.93 -4.93
C GLY A 129 1.70 11.91 -3.85
N GLU A 130 2.77 11.53 -3.14
CA GLU A 130 2.69 10.62 -2.00
C GLU A 130 2.13 11.33 -0.78
N MET A 131 1.29 10.61 -0.03
CA MET A 131 0.87 11.12 1.28
C MET A 131 2.08 11.53 2.11
N PHE A 132 3.16 10.76 2.00
CA PHE A 132 4.39 11.01 2.75
C PHE A 132 4.85 12.45 2.67
N SER A 133 4.96 12.97 1.43
N SER A 133 4.95 13.02 1.47
CA SER A 133 5.43 14.34 1.20
CA SER A 133 5.53 14.36 1.39
C SER A 133 4.54 15.33 1.91
C SER A 133 4.54 15.42 1.88
N HIS A 134 3.23 15.24 1.64
CA HIS A 134 2.25 16.15 2.23
C HIS A 134 2.30 16.11 3.76
N LEU A 135 2.40 14.91 4.33
CA LEU A 135 2.44 14.78 5.78
C LEU A 135 3.70 15.41 6.36
N ARG A 136 4.86 15.15 5.75
CA ARG A 136 6.09 15.73 6.30
C ARG A 136 6.09 17.26 6.16
N ARG A 137 5.46 17.79 5.11
CA ARG A 137 5.41 19.23 4.90
C ARG A 137 4.53 19.94 5.92
N ILE A 138 3.33 19.41 6.19
CA ILE A 138 2.41 20.04 7.14
C ILE A 138 2.67 19.63 8.59
N GLY A 139 3.37 18.51 8.80
CA GLY A 139 3.65 18.05 10.15
C GLY A 139 2.76 16.90 10.56
N ARG A 140 1.47 17.18 10.75
CA ARG A 140 0.49 16.14 11.06
C ARG A 140 -0.86 16.54 10.49
N PHE A 141 -1.72 15.54 10.33
CA PHE A 141 -3.10 15.73 9.91
C PHE A 141 -4.01 15.82 11.14
N GLU A 143 -7.47 15.02 13.26
CA GLU A 143 -8.10 13.69 13.34
C GLU A 143 -9.16 13.44 12.26
N PRO A 144 -10.00 14.44 11.92
CA PRO A 144 -10.94 14.20 10.81
C PRO A 144 -10.24 13.92 9.47
N HIS A 145 -9.13 14.62 9.21
CA HIS A 145 -8.35 14.41 7.99
C HIS A 145 -7.73 13.00 7.98
N ALA A 146 -7.06 12.63 9.07
CA ALA A 146 -6.52 11.28 9.20
C ALA A 146 -7.61 10.23 9.05
N ARG A 147 -8.77 10.47 9.67
N ARG A 147 -8.78 10.46 9.65
CA ARG A 147 -9.89 9.54 9.66
CA ARG A 147 -9.85 9.47 9.62
C ARG A 147 -10.36 9.26 8.24
C ARG A 147 -10.36 9.24 8.21
N PHE A 148 -10.43 10.29 7.40
CA PHE A 148 -10.85 10.15 6.00
C PHE A 148 -9.93 9.19 5.24
N TYR A 149 -8.61 9.32 5.44
CA TYR A 149 -7.66 8.42 4.79
C TYR A 149 -7.74 7.03 5.39
N ALA A 150 -7.86 6.94 6.73
CA ALA A 150 -7.91 5.64 7.39
C ALA A 150 -9.09 4.82 6.90
N ALA A 151 -10.24 5.48 6.69
CA ALA A 151 -11.44 4.76 6.26
C ALA A 151 -11.20 4.09 4.92
N GLN A 152 -10.50 4.77 4.00
CA GLN A 152 -10.21 4.17 2.71
C GLN A 152 -9.31 2.96 2.86
N ILE A 153 -8.31 3.01 3.76
CA ILE A 153 -7.47 1.84 3.99
C ILE A 153 -8.28 0.68 4.60
N VAL A 154 -9.17 0.97 5.56
CA VAL A 154 -10.00 -0.07 6.16
C VAL A 154 -10.78 -0.81 5.06
N LEU A 155 -11.44 -0.06 4.18
CA LEU A 155 -12.22 -0.69 3.12
C LEU A 155 -11.33 -1.46 2.15
N THR A 156 -10.15 -0.92 1.84
CA THR A 156 -9.24 -1.60 0.92
C THR A 156 -8.73 -2.91 1.49
N PHE A 157 -8.38 -2.93 2.78
CA PHE A 157 -7.97 -4.18 3.42
C PHE A 157 -9.15 -5.15 3.57
N GLU A 158 -10.36 -4.65 3.84
CA GLU A 158 -11.51 -5.57 3.85
C GLU A 158 -11.66 -6.28 2.50
N TYR A 159 -11.50 -5.55 1.40
CA TYR A 159 -11.53 -6.14 0.07
C TYR A 159 -10.37 -7.12 -0.14
N LEU A 160 -9.15 -6.69 0.10
CA LEU A 160 -8.00 -7.54 -0.16
C LEU A 160 -8.08 -8.82 0.67
N HIS A 161 -8.37 -8.69 1.97
CA HIS A 161 -8.38 -9.86 2.86
C HIS A 161 -9.47 -10.84 2.47
N SER A 162 -10.59 -10.34 1.91
CA SER A 162 -11.67 -11.23 1.49
C SER A 162 -11.24 -12.13 0.33
N LEU A 163 -10.23 -11.68 -0.42
CA LEU A 163 -9.64 -12.42 -1.52
C LEU A 163 -8.44 -13.23 -1.07
N ASP A 164 -8.22 -13.31 0.24
CA ASP A 164 -7.06 -13.98 0.85
C ASP A 164 -5.74 -13.31 0.48
N LEU A 165 -5.76 -11.99 0.27
CA LEU A 165 -4.54 -11.24 -0.03
C LEU A 165 -4.12 -10.43 1.19
N ILE A 166 -2.84 -10.54 1.56
CA ILE A 166 -2.23 -9.69 2.57
C ILE A 166 -1.37 -8.67 1.86
N TYR A 167 -1.38 -7.40 2.33
CA TYR A 167 -0.69 -6.32 1.62
C TYR A 167 0.77 -6.14 2.05
N ARG A 168 1.03 -6.06 3.37
CA ARG A 168 2.36 -6.19 3.98
C ARG A 168 3.32 -5.03 3.76
N ASP A 169 2.91 -3.89 3.22
CA ASP A 169 3.83 -2.73 3.20
C ASP A 169 3.06 -1.40 3.31
N LEU A 170 2.07 -1.35 4.20
CA LEU A 170 1.39 -0.08 4.42
C LEU A 170 2.34 0.95 5.03
N LYS A 171 2.34 2.14 4.44
CA LYS A 171 3.05 3.31 4.94
C LYS A 171 2.72 4.51 4.05
N PRO A 172 2.94 5.74 4.52
CA PRO A 172 2.59 6.92 3.70
C PRO A 172 3.31 7.00 2.36
N GLU A 173 4.50 6.42 2.24
CA GLU A 173 5.25 6.43 0.98
C GLU A 173 4.52 5.69 -0.13
N ASN A 174 3.63 4.76 0.23
CA ASN A 174 2.94 3.91 -0.73
C ASN A 174 1.52 4.35 -1.01
N LEU A 175 1.10 5.50 -0.51
CA LEU A 175 -0.29 5.98 -0.65
C LEU A 175 -0.27 7.27 -1.46
N LEU A 176 -0.77 7.22 -2.70
CA LEU A 176 -0.78 8.39 -3.54
C LEU A 176 -2.13 9.12 -3.43
N ILE A 177 -2.10 10.44 -3.57
CA ILE A 177 -3.31 11.26 -3.50
C ILE A 177 -3.75 11.56 -4.93
N ASP A 178 -5.01 11.27 -5.23
CA ASP A 178 -5.49 11.48 -6.60
C ASP A 178 -6.14 12.86 -6.76
N GLN A 179 -6.66 13.10 -7.96
CA GLN A 179 -7.19 14.42 -8.32
C GLN A 179 -8.46 14.79 -7.55
N GLN A 180 -9.12 13.85 -6.89
CA GLN A 180 -10.26 14.15 -6.03
C GLN A 180 -9.88 14.17 -4.55
N GLY A 181 -8.61 13.99 -4.24
CA GLY A 181 -8.14 13.99 -2.86
C GLY A 181 -8.26 12.65 -2.16
N TYR A 182 -8.59 11.60 -2.89
CA TYR A 182 -8.69 10.26 -2.32
C TYR A 182 -7.38 9.51 -2.50
N ILE A 183 -7.29 8.37 -1.81
N ILE A 183 -7.27 8.40 -1.78
CA ILE A 183 -6.08 7.54 -1.75
CA ILE A 183 -6.07 7.56 -1.76
C ILE A 183 -6.07 6.55 -2.89
C ILE A 183 -6.07 6.55 -2.89
N GLN A 184 -4.86 6.29 -3.41
CA GLN A 184 -4.60 5.16 -4.30
C GLN A 184 -3.40 4.40 -3.75
N VAL A 185 -3.61 3.14 -3.33
CA VAL A 185 -2.52 2.29 -2.83
C VAL A 185 -1.71 1.79 -4.00
N THR A 186 -0.39 1.94 -3.91
CA THR A 186 0.48 1.39 -4.92
C THR A 186 1.56 0.55 -4.24
N ASP A 187 2.45 0.05 -5.08
N ASP A 187 2.41 -0.03 -5.07
CA ASP A 187 3.51 -0.85 -4.67
CA ASP A 187 3.56 -0.82 -4.64
C ASP A 187 2.96 -2.07 -3.98
C ASP A 187 3.12 -2.13 -3.97
N PHE A 188 2.63 -3.07 -4.79
CA PHE A 188 2.19 -4.36 -4.30
C PHE A 188 3.32 -5.37 -4.23
N GLY A 189 4.56 -4.89 -4.10
CA GLY A 189 5.71 -5.77 -4.13
C GLY A 189 5.79 -6.78 -3.00
N PHE A 190 5.14 -6.52 -1.86
CA PHE A 190 5.09 -7.47 -0.75
C PHE A 190 3.74 -8.17 -0.62
N ALA A 191 2.77 -7.86 -1.49
CA ALA A 191 1.46 -8.50 -1.38
C ALA A 191 1.50 -9.97 -1.78
N LYS A 192 0.66 -10.77 -1.12
CA LYS A 192 0.70 -12.21 -1.31
C LYS A 192 -0.68 -12.84 -1.06
N ARG A 193 -1.02 -13.85 -1.85
CA ARG A 193 -2.20 -14.66 -1.56
C ARG A 193 -1.84 -15.75 -0.55
N VAL A 194 -2.57 -15.76 0.56
CA VAL A 194 -2.25 -16.56 1.76
C VAL A 194 -3.56 -17.13 2.29
N LYS A 195 -3.71 -18.45 2.23
CA LYS A 195 -4.95 -19.05 2.74
C LYS A 195 -4.96 -19.21 4.25
N GLY A 196 -3.79 -19.21 4.90
CA GLY A 196 -3.70 -19.30 6.35
C GLY A 196 -2.58 -18.46 6.93
N ARG A 197 -1.41 -19.06 7.12
CA ARG A 197 -0.24 -18.32 7.58
C ARG A 197 0.83 -18.27 6.50
N THR A 198 1.77 -17.34 6.68
CA THR A 198 2.95 -17.25 5.83
C THR A 198 4.14 -16.89 6.72
N TRP A 199 5.36 -17.02 6.19
CA TRP A 199 6.57 -16.99 7.05
C TRP A 199 7.70 -16.04 6.61
N LEU A 201 10.13 -13.05 6.38
CA LEU A 201 10.43 -11.85 7.15
C LEU A 201 10.59 -10.68 6.20
N CYS A 202 9.53 -9.86 6.03
CA CYS A 202 9.55 -8.75 5.09
C CYS A 202 8.61 -7.64 5.55
N GLY A 203 8.87 -6.45 5.02
CA GLY A 203 8.13 -5.22 5.26
C GLY A 203 9.07 -4.09 5.57
N THR A 204 8.50 -3.01 6.14
CA THR A 204 9.30 -1.85 6.53
C THR A 204 9.41 -1.78 8.04
N PRO A 205 10.62 -1.60 8.60
CA PRO A 205 10.80 -1.74 10.07
C PRO A 205 9.75 -1.07 10.96
N GLU A 206 9.49 0.22 10.76
CA GLU A 206 8.56 0.93 11.65
C GLU A 206 7.15 0.32 11.66
N TYR A 207 6.76 -0.36 10.58
CA TYR A 207 5.40 -0.88 10.39
C TYR A 207 5.27 -2.38 10.64
N LEU A 208 6.34 -3.08 11.03
CA LEU A 208 6.27 -4.53 11.23
C LEU A 208 5.52 -4.88 12.50
N ALA A 209 4.59 -5.84 12.39
CA ALA A 209 3.96 -6.41 13.56
C ALA A 209 4.96 -7.24 14.38
N PRO A 210 4.72 -7.38 15.70
CA PRO A 210 5.67 -8.16 16.53
C PRO A 210 5.89 -9.57 16.02
N GLU A 211 4.83 -10.23 15.58
CA GLU A 211 4.96 -11.63 15.18
C GLU A 211 5.86 -11.78 13.95
N ILE A 212 5.94 -10.77 13.07
CA ILE A 212 6.93 -10.84 11.99
C ILE A 212 8.34 -10.81 12.56
N ILE A 213 8.62 -9.84 13.43
CA ILE A 213 9.95 -9.67 14.03
C ILE A 213 10.38 -10.93 14.78
N LEU A 214 9.44 -11.59 15.44
CA LEU A 214 9.74 -12.76 16.26
C LEU A 214 9.79 -14.05 15.44
N SER A 215 9.76 -13.94 14.10
CA SER A 215 9.93 -15.13 13.22
C SER A 215 8.82 -16.16 13.47
N LYS A 216 7.62 -15.67 13.74
CA LYS A 216 6.43 -16.50 13.90
C LYS A 216 5.67 -16.50 12.60
N GLY A 217 5.11 -17.66 12.24
CA GLY A 217 4.13 -17.70 11.18
C GLY A 217 2.98 -16.74 11.48
N TYR A 218 2.55 -15.99 10.46
CA TYR A 218 1.64 -14.87 10.67
C TYR A 218 0.59 -14.81 9.57
N ASN A 219 -0.42 -13.97 9.79
CA ASN A 219 -1.57 -13.88 8.89
C ASN A 219 -1.95 -12.43 8.64
N LYS A 220 -3.16 -12.22 8.10
CA LYS A 220 -3.59 -10.89 7.69
C LYS A 220 -3.64 -9.90 8.85
N ALA A 221 -3.61 -10.36 10.10
CA ALA A 221 -3.61 -9.41 11.23
C ALA A 221 -2.41 -8.47 11.22
N VAL A 222 -1.34 -8.81 10.50
CA VAL A 222 -0.21 -7.88 10.43
C VAL A 222 -0.61 -6.58 9.73
N ASP A 223 -1.54 -6.65 8.79
CA ASP A 223 -2.04 -5.46 8.11
C ASP A 223 -2.84 -4.56 9.05
N TRP A 224 -3.55 -5.14 10.01
CA TRP A 224 -4.32 -4.32 10.96
C TRP A 224 -3.40 -3.67 11.99
N TRP A 225 -2.34 -4.36 12.42
CA TRP A 225 -1.29 -3.71 13.19
C TRP A 225 -0.75 -2.51 12.41
N ALA A 226 -0.40 -2.72 11.14
CA ALA A 226 0.20 -1.64 10.35
C ALA A 226 -0.75 -0.46 10.17
N LEU A 227 -2.07 -0.72 10.07
CA LEU A 227 -3.06 0.36 10.09
C LEU A 227 -2.95 1.20 11.36
N GLY A 228 -2.78 0.57 12.52
CA GLY A 228 -2.53 1.33 13.75
C GLY A 228 -1.31 2.23 13.66
N VAL A 229 -0.22 1.70 13.10
CA VAL A 229 0.99 2.52 12.95
C VAL A 229 0.69 3.70 12.02
N LEU A 230 0.00 3.45 10.91
CA LEU A 230 -0.32 4.51 9.95
C LEU A 230 -1.19 5.59 10.57
N ILE A 231 -2.26 5.19 11.26
CA ILE A 231 -3.15 6.20 11.84
C ILE A 231 -2.39 7.03 12.86
N TYR A 232 -1.58 6.38 13.71
CA TYR A 232 -0.74 7.10 14.67
C TYR A 232 0.16 8.11 13.94
N GLU A 233 0.86 7.67 12.89
CA GLU A 233 1.79 8.56 12.20
C GLU A 233 1.05 9.72 11.54
N MET A 234 -0.10 9.45 10.93
CA MET A 234 -0.88 10.52 10.32
C MET A 234 -1.27 11.57 11.34
N ALA A 235 -1.70 11.13 12.53
CA ALA A 235 -2.23 12.06 13.52
C ALA A 235 -1.16 12.71 14.40
N ALA A 236 0.01 12.07 14.55
CA ALA A 236 1.09 12.61 15.37
C ALA A 236 2.15 13.31 14.54
N GLY A 237 2.38 12.85 13.32
CA GLY A 237 3.48 13.29 12.47
C GLY A 237 4.72 12.41 12.51
N TYR A 238 4.73 11.39 13.37
CA TYR A 238 5.82 10.44 13.55
C TYR A 238 5.18 9.12 13.97
N PRO A 239 5.82 8.00 13.69
CA PRO A 239 5.23 6.72 14.05
C PRO A 239 5.48 6.36 15.50
N PRO A 240 4.81 5.33 16.02
CA PRO A 240 4.84 5.06 17.46
C PRO A 240 6.11 4.39 17.95
N PHE A 241 6.85 3.71 17.06
CA PHE A 241 8.07 2.98 17.40
C PHE A 241 9.17 3.61 16.53
N PHE A 242 9.93 4.50 17.13
CA PHE A 242 10.67 5.55 16.41
C PHE A 242 12.09 5.52 16.97
N ALA A 243 13.06 5.14 16.13
CA ALA A 243 14.47 5.08 16.53
C ALA A 243 15.35 5.12 15.28
N ASP A 244 16.63 5.42 15.51
CA ASP A 244 17.52 5.63 14.38
C ASP A 244 17.87 4.34 13.65
N GLN A 245 17.97 3.22 14.36
CA GLN A 245 18.39 1.95 13.75
C GLN A 245 17.28 0.90 13.82
N PRO A 246 17.11 0.09 12.77
CA PRO A 246 16.09 -0.97 12.81
C PRO A 246 16.09 -1.83 14.08
N ILE A 247 17.23 -2.23 14.63
CA ILE A 247 17.22 -3.11 15.79
C ILE A 247 16.58 -2.43 17.00
N GLN A 248 16.75 -1.11 17.14
CA GLN A 248 16.10 -0.40 18.23
C GLN A 248 14.60 -0.30 18.02
N ILE A 249 14.18 -0.11 16.77
CA ILE A 249 12.76 -0.11 16.43
C ILE A 249 12.14 -1.45 16.81
N TYR A 250 12.80 -2.55 16.47
CA TYR A 250 12.24 -3.87 16.74
C TYR A 250 12.06 -4.11 18.24
N GLU A 251 13.03 -3.68 19.07
CA GLU A 251 12.87 -3.84 20.52
C GLU A 251 11.68 -3.06 21.04
N LYS A 252 11.42 -1.86 20.49
CA LYS A 252 10.26 -1.09 20.94
C LYS A 252 8.94 -1.76 20.53
N ILE A 253 8.90 -2.33 19.33
CA ILE A 253 7.67 -2.97 18.84
C ILE A 253 7.30 -4.16 19.73
N VAL A 254 8.28 -5.00 20.06
CA VAL A 254 7.97 -6.22 20.80
C VAL A 254 7.66 -5.95 22.27
N SER A 255 8.13 -4.82 22.82
CA SER A 255 7.90 -4.52 24.24
C SER A 255 6.43 -4.58 24.65
N GLY A 256 5.52 -4.12 23.79
CA GLY A 256 4.13 -4.02 24.17
C GLY A 256 3.75 -2.70 24.81
N LYS A 257 4.52 -1.63 24.53
CA LYS A 257 4.32 -0.31 25.11
C LYS A 257 4.16 0.70 23.99
N VAL A 258 3.21 1.63 24.15
CA VAL A 258 3.04 2.76 23.24
C VAL A 258 2.63 3.96 24.06
N ARG A 259 3.21 5.11 23.75
CA ARG A 259 2.85 6.39 24.35
C ARG A 259 2.21 7.27 23.28
N PHE A 260 1.25 8.11 23.69
CA PHE A 260 0.49 8.94 22.76
C PHE A 260 0.69 10.44 23.03
N PRO A 261 0.68 11.27 21.99
CA PRO A 261 0.68 12.72 22.18
C PRO A 261 -0.50 13.16 23.02
N SER A 262 -0.32 14.28 23.73
CA SER A 262 -1.37 14.77 24.59
C SER A 262 -2.56 15.29 23.81
N HIS A 263 -2.39 15.63 22.54
CA HIS A 263 -3.51 16.10 21.75
C HIS A 263 -4.36 14.98 21.15
N PHE A 264 -3.96 13.71 21.25
CA PHE A 264 -4.81 12.61 20.77
C PHE A 264 -6.10 12.52 21.59
N SER A 265 -7.23 12.40 20.91
CA SER A 265 -8.50 12.14 21.59
C SER A 265 -8.46 10.77 22.26
N SER A 266 -9.31 10.61 23.30
CA SER A 266 -9.39 9.32 23.95
C SER A 266 -9.98 8.26 23.04
N ASP A 267 -10.92 8.62 22.15
CA ASP A 267 -11.40 7.63 21.19
C ASP A 267 -10.28 7.14 20.29
N LEU A 268 -9.40 8.05 19.86
CA LEU A 268 -8.29 7.66 19.00
C LEU A 268 -7.35 6.73 19.76
N LYS A 269 -6.98 7.08 21.00
CA LYS A 269 -6.09 6.22 21.77
C LYS A 269 -6.69 4.84 21.98
N ASP A 270 -8.01 4.76 22.23
CA ASP A 270 -8.63 3.47 22.44
C ASP A 270 -8.52 2.60 21.18
N LEU A 271 -8.83 3.18 20.02
CA LEU A 271 -8.70 2.42 18.77
C LEU A 271 -7.27 1.94 18.59
N LEU A 272 -6.30 2.83 18.79
CA LEU A 272 -4.90 2.46 18.57
C LEU A 272 -4.41 1.41 19.55
N ARG A 273 -4.87 1.45 20.81
CA ARG A 273 -4.47 0.40 21.75
C ARG A 273 -4.98 -0.97 21.29
N ASN A 274 -6.13 -1.01 20.62
CA ASN A 274 -6.68 -2.29 20.16
C ASN A 274 -6.09 -2.74 18.82
N LEU A 275 -5.54 -1.82 18.01
CA LEU A 275 -4.83 -2.21 16.78
C LEU A 275 -3.37 -2.58 17.07
N LEU A 276 -2.69 -1.76 17.87
CA LEU A 276 -1.30 -1.99 18.28
C LEU A 276 -1.26 -2.93 19.50
N GLN A 277 -1.92 -4.07 19.34
CA GLN A 277 -2.10 -5.08 20.37
C GLN A 277 -1.21 -6.27 20.05
N VAL A 278 -0.24 -6.54 20.93
CA VAL A 278 0.70 -7.63 20.68
C VAL A 278 0.01 -8.99 20.75
N ASP A 279 -1.04 -9.13 21.58
CA ASP A 279 -1.76 -10.40 21.76
C ASP A 279 -2.74 -10.59 20.61
N LEU A 280 -2.47 -11.57 19.75
CA LEU A 280 -3.36 -11.79 18.61
C LEU A 280 -4.76 -12.22 18.98
N THR A 281 -4.96 -12.79 20.17
CA THR A 281 -6.32 -13.12 20.57
C THR A 281 -7.13 -11.87 20.91
N LYS A 282 -6.49 -10.70 20.94
CA LYS A 282 -7.15 -9.47 21.34
C LYS A 282 -7.09 -8.37 20.29
N ARG A 283 -6.39 -8.56 19.16
CA ARG A 283 -6.13 -7.46 18.24
C ARG A 283 -7.36 -7.23 17.34
N PHE A 284 -7.83 -5.98 17.27
CA PHE A 284 -8.95 -5.64 16.40
C PHE A 284 -8.62 -5.93 14.95
N GLY A 285 -9.62 -6.44 14.24
CA GLY A 285 -9.44 -7.00 12.93
C GLY A 285 -9.22 -8.50 12.94
N ASN A 286 -8.86 -9.07 14.09
CA ASN A 286 -8.53 -10.48 14.18
C ASN A 286 -9.48 -11.25 15.08
N LEU A 287 -10.60 -10.65 15.48
CA LEU A 287 -11.53 -11.30 16.39
C LEU A 287 -12.74 -11.85 15.66
N LYS A 288 -13.68 -12.40 16.46
CA LYS A 288 -14.89 -13.00 15.92
C LYS A 288 -15.60 -12.09 14.93
N ASN A 289 -15.69 -10.78 15.22
CA ASN A 289 -16.43 -9.85 14.37
C ASN A 289 -15.57 -9.20 13.29
N GLY A 290 -14.33 -9.64 13.16
CA GLY A 290 -13.49 -9.22 12.05
C GLY A 290 -13.37 -7.71 11.93
N VAL A 291 -13.51 -7.21 10.70
CA VAL A 291 -13.29 -5.79 10.44
C VAL A 291 -14.38 -4.93 11.11
N ASN A 292 -15.50 -5.54 11.50
CA ASN A 292 -16.57 -4.72 12.05
C ASN A 292 -16.21 -4.13 13.42
N ASP A 293 -15.28 -4.75 14.16
CA ASP A 293 -14.82 -4.12 15.41
C ASP A 293 -14.13 -2.80 15.12
N ILE A 294 -13.54 -2.66 13.94
CA ILE A 294 -12.91 -1.42 13.54
C ILE A 294 -13.96 -0.44 12.99
N LYS A 295 -14.79 -0.91 12.07
CA LYS A 295 -15.75 0.00 11.43
C LYS A 295 -16.78 0.52 12.42
N ASN A 296 -17.08 -0.24 13.49
CA ASN A 296 -18.04 0.17 14.49
C ASN A 296 -17.40 0.88 15.69
N HIS A 297 -16.08 1.10 15.67
CA HIS A 297 -15.45 1.84 16.77
C HIS A 297 -15.92 3.29 16.84
N LYS A 298 -15.98 3.83 18.07
CA LYS A 298 -16.42 5.20 18.26
C LYS A 298 -15.62 6.20 17.44
N TRP A 299 -14.31 5.97 17.23
CA TRP A 299 -13.56 6.97 16.47
C TRP A 299 -14.07 7.11 15.05
N PHE A 300 -14.72 6.08 14.52
CA PHE A 300 -15.30 6.10 13.19
C PHE A 300 -16.81 6.38 13.20
N ALA A 301 -17.37 6.85 14.33
CA ALA A 301 -18.82 7.01 14.43
C ALA A 301 -19.40 7.93 13.35
N THR A 302 -18.65 8.97 12.94
CA THR A 302 -19.06 9.93 11.91
C THR A 302 -18.81 9.46 10.48
N THR A 303 -18.21 8.29 10.30
CA THR A 303 -17.82 7.80 8.99
C THR A 303 -18.98 7.10 8.30
N ASP A 304 -19.34 7.61 7.13
CA ASP A 304 -20.32 6.97 6.25
C ASP A 304 -19.54 6.08 5.29
N TRP A 305 -19.43 4.79 5.65
CA TRP A 305 -18.59 3.84 4.93
C TRP A 305 -19.01 3.72 3.48
N ILE A 306 -20.31 3.68 3.20
CA ILE A 306 -20.75 3.55 1.81
C ILE A 306 -20.41 4.82 1.04
N ALA A 307 -20.64 5.99 1.66
CA ALA A 307 -20.33 7.27 1.01
C ALA A 307 -18.84 7.38 0.67
N ILE A 308 -17.97 6.86 1.53
CA ILE A 308 -16.53 6.84 1.23
C ILE A 308 -16.25 5.97 0.00
N TYR A 309 -16.75 4.72 0.01
CA TYR A 309 -16.58 3.82 -1.12
C TYR A 309 -17.07 4.45 -2.41
N GLN A 310 -18.23 5.12 -2.37
CA GLN A 310 -18.79 5.75 -3.55
C GLN A 310 -18.15 7.08 -3.87
N ARG A 311 -17.17 7.52 -3.09
CA ARG A 311 -16.44 8.75 -3.33
C ARG A 311 -17.37 9.97 -3.31
N LYS A 312 -18.33 9.98 -2.37
CA LYS A 312 -19.29 11.07 -2.24
C LYS A 312 -18.88 12.09 -1.19
N VAL A 313 -17.86 11.80 -0.37
CA VAL A 313 -17.44 12.66 0.73
C VAL A 313 -16.44 13.69 0.21
N GLU A 314 -16.60 14.95 0.60
CA GLU A 314 -15.64 15.98 0.22
C GLU A 314 -14.29 15.74 0.90
N ALA A 315 -13.21 15.70 0.09
CA ALA A 315 -11.90 15.39 0.67
C ALA A 315 -11.32 16.58 1.45
N PRO A 316 -10.44 16.29 2.41
CA PRO A 316 -9.82 17.38 3.20
C PRO A 316 -8.99 18.33 2.37
N PHE A 317 -8.34 17.85 1.32
CA PHE A 317 -7.72 18.78 0.38
C PHE A 317 -7.47 18.09 -0.94
N ILE A 318 -7.34 18.92 -1.97
CA ILE A 318 -7.15 18.50 -3.35
C ILE A 318 -5.77 19.01 -3.75
N PRO A 319 -4.84 18.17 -4.19
CA PRO A 319 -3.55 18.69 -4.65
C PRO A 319 -3.72 19.56 -5.89
N LYS A 320 -2.81 20.53 -6.05
CA LYS A 320 -2.84 21.37 -7.24
C LYS A 320 -2.28 20.61 -8.42
N PHE A 321 -2.87 20.84 -9.60
CA PHE A 321 -2.42 20.24 -10.83
C PHE A 321 -2.39 21.30 -11.91
N LYS A 322 -1.32 21.33 -12.69
CA LYS A 322 -1.16 22.32 -13.75
C LYS A 322 -1.51 21.77 -15.12
N GLY A 323 -1.71 20.47 -15.24
CA GLY A 323 -2.06 19.86 -16.50
C GLY A 323 -1.62 18.41 -16.49
N PRO A 324 -1.96 17.67 -17.54
CA PRO A 324 -1.46 16.29 -17.63
C PRO A 324 0.06 16.28 -17.68
N GLY A 325 0.65 15.28 -17.04
CA GLY A 325 2.09 15.18 -16.98
C GLY A 325 2.76 16.05 -15.95
N ASP A 326 2.00 16.86 -15.23
CA ASP A 326 2.54 17.68 -14.14
C ASP A 326 3.16 16.80 -13.08
N THR A 327 4.44 17.03 -12.75
CA THR A 327 5.14 16.29 -11.71
C THR A 327 5.48 17.16 -10.51
N SER A 328 4.78 18.29 -10.35
CA SER A 328 5.14 19.25 -9.30
C SER A 328 4.94 18.69 -7.90
N ASN A 329 4.09 17.69 -7.71
CA ASN A 329 3.82 17.20 -6.38
C ASN A 329 4.75 16.08 -5.95
N PHE A 330 5.76 15.76 -6.77
CA PHE A 330 6.75 14.74 -6.46
C PHE A 330 8.13 15.37 -6.23
N ASP A 331 8.93 14.70 -5.40
CA ASP A 331 10.31 15.10 -5.17
C ASP A 331 11.20 14.68 -6.35
N ASP A 332 12.39 15.27 -6.41
CA ASP A 332 13.34 14.99 -7.48
C ASP A 332 14.27 13.84 -7.10
N TYR A 333 14.72 13.10 -8.11
CA TYR A 333 15.61 11.95 -7.96
C TYR A 333 16.68 12.00 -9.03
N GLU A 334 17.83 11.40 -8.73
CA GLU A 334 18.87 11.28 -9.74
C GLU A 334 18.36 10.44 -10.91
N GLU A 335 18.64 10.91 -12.13
CA GLU A 335 18.21 10.20 -13.34
C GLU A 335 19.33 9.29 -13.81
N GLU A 336 18.98 8.07 -14.20
CA GLU A 336 19.93 7.09 -14.71
C GLU A 336 19.42 6.51 -16.01
N GLU A 337 20.31 6.37 -16.98
CA GLU A 337 19.92 5.89 -18.30
C GLU A 337 19.39 4.46 -18.21
N ILE A 338 18.34 4.17 -18.97
CA ILE A 338 17.78 2.83 -19.06
C ILE A 338 18.50 2.11 -20.19
N ARG A 339 19.37 1.16 -19.84
CA ARG A 339 20.18 0.42 -20.80
C ARG A 339 19.69 -1.02 -20.90
N VAL A 340 19.39 -1.45 -22.13
CA VAL A 340 18.95 -2.82 -22.40
C VAL A 340 20.10 -3.62 -23.02
N ILE A 342 22.36 -6.58 -24.86
CA ILE A 342 22.20 -7.36 -26.07
C ILE A 342 21.89 -8.81 -25.70
N ASN A 343 22.27 -9.21 -24.49
CA ASN A 343 22.09 -10.58 -24.01
C ASN A 343 20.97 -10.65 -22.98
N GLU A 344 20.12 -11.67 -23.11
CA GLU A 344 19.00 -11.85 -22.19
C GLU A 344 19.53 -12.31 -20.83
N LYS A 345 19.09 -11.62 -19.77
CA LYS A 345 19.48 -11.94 -18.41
C LYS A 345 18.32 -12.59 -17.68
N CYS A 346 18.59 -13.70 -17.00
CA CYS A 346 17.63 -14.33 -16.09
C CYS A 346 16.31 -14.68 -16.81
N GLY A 347 16.45 -15.26 -18.00
CA GLY A 347 15.26 -15.61 -18.76
C GLY A 347 14.40 -16.66 -18.07
N LYS A 348 15.02 -17.65 -17.43
CA LYS A 348 14.28 -18.77 -16.86
C LYS A 348 13.63 -18.42 -15.52
N GLU A 349 14.29 -17.58 -14.71
CA GLU A 349 13.73 -17.24 -13.40
C GLU A 349 12.43 -16.45 -13.54
N PHE A 350 12.24 -15.72 -14.64
CA PHE A 350 11.09 -14.84 -14.82
C PHE A 350 10.22 -15.29 -15.97
N THR A 351 10.20 -16.60 -16.25
CA THR A 351 9.41 -17.14 -17.35
C THR A 351 7.93 -16.78 -17.18
N GLU A 352 7.40 -16.88 -15.96
CA GLU A 352 5.98 -16.65 -15.72
C GLU A 352 5.58 -15.18 -15.83
N PHE A 353 6.53 -14.25 -15.85
CA PHE A 353 6.20 -12.83 -15.83
C PHE A 353 5.67 -12.33 -17.17
N ALA B 3 14.01 10.78 18.71
CA ALA B 3 14.87 10.83 17.52
C ALA B 3 14.74 9.54 16.71
N GLY B 4 14.24 9.67 15.48
CA GLY B 4 14.01 8.54 14.60
C GLY B 4 14.16 8.92 13.14
N ARG B 5 13.75 8.04 12.21
CA ARG B 5 14.00 8.27 10.79
C ARG B 5 12.90 9.12 10.20
N THR B 6 13.29 10.25 9.60
CA THR B 6 12.31 11.20 9.08
C THR B 6 12.16 11.16 7.57
N GLY B 7 13.12 10.55 6.84
CA GLY B 7 13.03 10.46 5.39
C GLY B 7 12.31 9.19 4.94
N ARG B 8 12.26 8.99 3.62
CA ARG B 8 11.58 7.80 3.10
C ARG B 8 12.27 6.53 3.58
N ARG B 9 11.46 5.51 3.87
CA ARG B 9 11.88 4.28 4.52
C ARG B 9 11.85 3.13 3.51
N GLN B 10 12.97 2.42 3.39
CA GLN B 10 13.06 1.28 2.49
C GLN B 10 12.48 0.03 3.15
N ALA B 11 11.72 -0.72 2.37
CA ALA B 11 11.23 -2.01 2.86
C ALA B 11 12.33 -3.04 2.65
N ILE B 12 12.33 -4.08 3.48
N ILE B 12 12.31 -4.07 3.48
CA ILE B 12 13.32 -5.13 3.42
CA ILE B 12 13.30 -5.14 3.44
C ILE B 12 12.62 -6.42 3.00
C ILE B 12 12.61 -6.43 3.00
N HIS B 13 13.15 -7.08 1.95
CA HIS B 13 12.51 -8.27 1.40
C HIS B 13 12.79 -9.55 2.19
N ASP B 14 13.89 -9.59 2.95
CA ASP B 14 14.23 -10.77 3.73
C ASP B 14 15.21 -10.41 4.85
N ILE B 15 14.74 -9.71 5.88
CA ILE B 15 15.60 -9.40 7.02
C ILE B 15 14.80 -8.74 8.13
#